data_4QEK
#
_entry.id   4QEK
#
_cell.length_a   136.736
_cell.length_b   67.859
_cell.length_c   35.692
_cell.angle_alpha   90.00
_cell.angle_beta   94.36
_cell.angle_gamma   90.00
#
_symmetry.space_group_name_H-M   'C 1 2 1'
#
loop_
_entity.id
_entity.type
_entity.pdbx_description
1 polymer 'Diacylglycerol acyltransferase/mycolyltransferase Ag85C'
2 non-polymer alpha-D-glucopyranose
3 non-polymer 'SULFATE ION'
4 water water
#
_entity_poly.entity_id   1
_entity_poly.type   'polypeptide(L)'
_entity_poly.pdbx_seq_one_letter_code
;AFSRPGLPVEYLQVPSASMGRDIKVQFQGGGPHAVYLLDGLRAQDDYNGWDINTPAFEEYYQSGLSVIMPVGGQSSFYTD
WYQPSQSNGQNYTYKWETFLTREMPAWLQANKGVSPTGNAAVGLAMSGGSALILAAYYPQQFPYAASLSGFLNPSEGWWP
TLIGLAMNDSGGYNANSMWGPSSDPAWKRNDPMVQIPRLVANNTRIWVYCGNGTPSDLGGDNIPAKFLEGLTLRTNQTFR
DTYAADGGRNGVFNFPPNGTHSWPYWNEQLVAMKADIQHVLNGATPPAAPAAPAAHHHHHH
;
_entity_poly.pdbx_strand_id   A
#
# COMPACT_ATOMS: atom_id res chain seq x y z
N SER A 3 -14.30 3.37 17.05
CA SER A 3 -13.15 2.75 17.73
C SER A 3 -13.40 2.67 19.23
N ARG A 4 -12.64 1.79 19.89
CA ARG A 4 -12.76 1.59 21.33
C ARG A 4 -12.69 2.92 22.08
N PRO A 5 -13.60 3.10 23.05
CA PRO A 5 -13.69 4.35 23.82
C PRO A 5 -12.37 4.68 24.51
N GLY A 6 -11.98 5.95 24.48
CA GLY A 6 -10.74 6.38 25.10
C GLY A 6 -9.59 6.50 24.12
N LEU A 7 -9.77 6.01 22.90
CA LEU A 7 -8.74 6.12 21.87
C LEU A 7 -8.68 7.52 21.29
N PRO A 8 -7.50 8.13 21.28
CA PRO A 8 -7.32 9.51 20.84
C PRO A 8 -7.23 9.63 19.31
N VAL A 9 -8.20 9.03 18.62
CA VAL A 9 -8.21 9.02 17.15
C VAL A 9 -8.77 10.34 16.60
N GLU A 10 -8.06 10.88 15.61
CA GLU A 10 -8.39 12.16 15.01
C GLU A 10 -8.71 12.01 13.53
N TYR A 11 -9.45 12.96 12.99
CA TYR A 11 -9.59 13.05 11.55
C TYR A 11 -9.15 14.44 11.10
N LEU A 12 -8.29 14.46 10.09
CA LEU A 12 -7.61 15.67 9.67
C LEU A 12 -7.96 15.98 8.22
N GLN A 13 -7.90 17.26 7.88
CA GLN A 13 -8.01 17.71 6.49
C GLN A 13 -6.65 18.29 6.08
N VAL A 14 -5.94 17.56 5.23
CA VAL A 14 -4.58 17.95 4.85
C VAL A 14 -4.57 18.41 3.40
N PRO A 15 -4.30 19.70 3.17
CA PRO A 15 -4.32 20.17 1.78
C PRO A 15 -3.26 19.49 0.91
N SER A 16 -3.66 19.15 -0.31
CA SER A 16 -2.71 18.68 -1.32
C SER A 16 -2.62 19.74 -2.41
N ALA A 17 -1.50 20.45 -2.47
CA ALA A 17 -1.28 21.42 -3.54
C ALA A 17 -1.29 20.74 -4.91
N SER A 18 -0.68 19.55 -4.97
CA SER A 18 -0.54 18.86 -6.25
C SER A 18 -1.88 18.37 -6.81
N MET A 19 -2.81 18.01 -5.93
CA MET A 19 -4.13 17.56 -6.37
C MET A 19 -5.22 18.63 -6.31
N GLY A 20 -4.89 19.79 -5.73
CA GLY A 20 -5.82 20.90 -5.67
C GLY A 20 -7.05 20.65 -4.80
N ARG A 21 -6.88 19.86 -3.75
CA ARG A 21 -7.99 19.51 -2.86
C ARG A 21 -7.44 19.07 -1.51
N ASP A 22 -8.33 19.02 -0.53
CA ASP A 22 -7.97 18.55 0.81
C ASP A 22 -8.11 17.05 0.87
N ILE A 23 -7.14 16.38 1.48
CA ILE A 23 -7.16 14.93 1.64
C ILE A 23 -7.45 14.63 3.12
N LYS A 24 -8.49 13.86 3.38
CA LYS A 24 -8.79 13.44 4.75
C LYS A 24 -7.79 12.39 5.21
N VAL A 25 -7.38 12.49 6.48
CA VAL A 25 -6.42 11.55 7.07
C VAL A 25 -6.89 11.20 8.47
N GLN A 26 -7.02 9.91 8.75
CA GLN A 26 -7.31 9.46 10.12
C GLN A 26 -5.98 9.25 10.84
N PHE A 27 -5.90 9.65 12.10
CA PHE A 27 -4.60 9.72 12.76
C PHE A 27 -4.70 9.38 14.24
N GLN A 28 -3.74 8.61 14.72
CA GLN A 28 -3.56 8.41 16.17
C GLN A 28 -2.09 8.63 16.51
N GLY A 29 -1.84 9.49 17.50
CA GLY A 29 -0.48 9.78 17.90
C GLY A 29 0.11 8.72 18.82
N GLY A 30 1.16 9.08 19.54
CA GLY A 30 1.75 8.13 20.48
C GLY A 30 3.23 7.91 20.28
N GLY A 31 3.80 8.51 19.24
CA GLY A 31 5.23 8.44 19.02
C GLY A 31 5.66 9.25 17.81
N PRO A 32 6.97 9.54 17.71
CA PRO A 32 7.47 10.36 16.60
C PRO A 32 7.45 9.61 15.27
N HIS A 33 7.57 8.28 15.31
CA HIS A 33 7.52 7.48 14.10
C HIS A 33 6.16 6.87 13.92
N ALA A 34 5.82 6.52 12.68
CA ALA A 34 4.45 6.17 12.35
C ALA A 34 4.38 4.95 11.45
N VAL A 35 3.24 4.27 11.54
CA VAL A 35 2.86 3.24 10.58
C VAL A 35 1.85 3.85 9.63
N TYR A 36 2.19 3.92 8.34
CA TYR A 36 1.27 4.41 7.33
C TYR A 36 0.46 3.21 6.85
N LEU A 37 -0.84 3.21 7.10
CA LEU A 37 -1.72 2.10 6.72
C LEU A 37 -2.47 2.45 5.44
N LEU A 38 -2.07 1.80 4.34
CA LEU A 38 -2.61 2.11 3.03
C LEU A 38 -3.81 1.21 2.71
N ASP A 39 -4.76 1.75 1.95
CA ASP A 39 -6.03 1.08 1.66
C ASP A 39 -5.94 0.27 0.34
N GLY A 40 -7.03 -0.42 0.00
CA GLY A 40 -7.11 -1.19 -1.23
C GLY A 40 -7.83 -0.47 -2.37
N LEU A 41 -8.13 -1.22 -3.42
CA LEU A 41 -8.72 -0.67 -4.65
C LEU A 41 -10.00 0.12 -4.39
N ARG A 42 -10.82 -0.35 -3.47
CA ARG A 42 -12.14 0.24 -3.25
C ARG A 42 -12.14 1.31 -2.16
N ALA A 43 -10.98 1.94 -1.95
CA ALA A 43 -10.84 2.99 -0.94
C ALA A 43 -11.98 4.01 -1.01
N GLN A 44 -12.63 4.23 0.13
CA GLN A 44 -13.74 5.16 0.23
C GLN A 44 -13.28 6.55 0.68
N ASP A 45 -14.16 7.53 0.54
CA ASP A 45 -13.81 8.90 0.89
C ASP A 45 -14.19 9.28 2.31
N ASP A 46 -14.82 8.36 3.04
CA ASP A 46 -15.17 8.63 4.44
C ASP A 46 -14.16 8.06 5.43
N TYR A 47 -13.86 6.77 5.29
CA TYR A 47 -12.93 6.11 6.20
C TYR A 47 -12.02 5.18 5.43
N ASN A 48 -10.80 5.04 5.92
CA ASN A 48 -9.84 4.07 5.40
C ASN A 48 -10.32 2.65 5.76
N GLY A 49 -10.12 1.70 4.84
CA GLY A 49 -10.55 0.32 5.02
C GLY A 49 -10.02 -0.35 6.27
N TRP A 50 -8.83 0.05 6.73
CA TRP A 50 -8.30 -0.49 7.98
C TRP A 50 -9.20 -0.13 9.15
N ASP A 51 -9.73 1.09 9.16
CA ASP A 51 -10.59 1.49 10.27
C ASP A 51 -11.98 0.85 10.15
N ILE A 52 -12.46 0.69 8.92
CA ILE A 52 -13.76 0.06 8.70
C ILE A 52 -13.74 -1.39 9.14
N ASN A 53 -12.65 -2.09 8.81
CA ASN A 53 -12.63 -3.55 8.92
C ASN A 53 -11.81 -4.15 10.06
N THR A 54 -11.02 -3.33 10.74
CA THR A 54 -10.08 -3.87 11.73
C THR A 54 -9.99 -2.99 12.97
N PRO A 55 -9.47 -3.55 14.07
CA PRO A 55 -9.18 -2.75 15.27
C PRO A 55 -7.75 -2.21 15.26
N ALA A 56 -7.25 -1.80 14.09
CA ALA A 56 -5.88 -1.31 13.96
C ALA A 56 -5.51 -0.23 14.98
N PHE A 57 -6.35 0.79 15.14
CA PHE A 57 -6.01 1.86 16.07
C PHE A 57 -5.88 1.31 17.50
N GLU A 58 -6.85 0.51 17.91
CA GLU A 58 -6.80 -0.12 19.22
C GLU A 58 -5.56 -1.00 19.40
N GLU A 59 -5.24 -1.75 18.36
CA GLU A 59 -4.10 -2.66 18.41
C GLU A 59 -2.77 -1.94 18.57
N TYR A 60 -2.66 -0.74 17.99
CA TYR A 60 -1.41 0.02 18.04
C TYR A 60 -1.43 1.14 19.08
N TYR A 61 -2.51 1.26 19.83
CA TYR A 61 -2.58 2.23 20.91
C TYR A 61 -1.51 1.94 21.96
N GLN A 62 -0.76 2.96 22.34
CA GLN A 62 0.33 2.85 23.32
C GLN A 62 1.45 1.89 22.87
N SER A 63 1.64 1.77 21.56
CA SER A 63 2.71 0.95 20.99
C SER A 63 4.02 1.73 20.85
N GLY A 64 3.98 3.04 21.11
CA GLY A 64 5.13 3.89 20.86
C GLY A 64 5.21 4.35 19.41
N LEU A 65 4.22 3.97 18.61
CA LEU A 65 4.13 4.36 17.20
C LEU A 65 2.83 5.12 16.94
N SER A 66 2.89 6.16 16.12
CA SER A 66 1.68 6.79 15.59
C SER A 66 1.12 5.92 14.45
N VAL A 67 -0.15 6.12 14.15
CA VAL A 67 -0.82 5.43 13.04
C VAL A 67 -1.45 6.46 12.12
N ILE A 68 -1.13 6.36 10.83
CA ILE A 68 -1.65 7.29 9.84
C ILE A 68 -2.45 6.51 8.79
N MET A 69 -3.73 6.83 8.64
CA MET A 69 -4.57 6.20 7.64
C MET A 69 -5.08 7.24 6.66
N PRO A 70 -4.40 7.41 5.52
N PRO A 70 -4.41 7.37 5.50
CA PRO A 70 -4.94 8.35 4.53
CA PRO A 70 -4.94 8.32 4.52
C PRO A 70 -6.29 7.85 4.01
C PRO A 70 -6.31 7.84 4.03
N VAL A 71 -7.20 8.78 3.72
CA VAL A 71 -8.53 8.43 3.25
C VAL A 71 -8.71 8.83 1.79
N GLY A 72 -9.23 7.92 0.98
CA GLY A 72 -9.55 8.23 -0.40
C GLY A 72 -8.60 7.58 -1.39
N GLY A 73 -8.66 8.01 -2.65
CA GLY A 73 -7.75 7.48 -3.64
C GLY A 73 -8.16 6.14 -4.22
N GLN A 74 -9.46 5.94 -4.43
CA GLN A 74 -9.96 4.74 -5.09
C GLN A 74 -9.15 4.43 -6.34
N SER A 75 -8.67 3.19 -6.44
CA SER A 75 -7.94 2.70 -7.61
C SER A 75 -6.67 3.49 -7.94
N SER A 76 -6.13 4.22 -6.97
CA SER A 76 -5.03 5.14 -7.26
C SER A 76 -3.65 4.48 -7.31
N PHE A 77 -3.51 3.30 -6.69
CA PHE A 77 -2.20 2.67 -6.47
C PHE A 77 -1.22 3.55 -5.69
N TYR A 78 -1.73 4.58 -5.02
CA TYR A 78 -0.89 5.51 -4.26
C TYR A 78 0.31 6.00 -5.08
N THR A 79 0.03 6.27 -6.35
CA THR A 79 1.07 6.65 -7.30
C THR A 79 0.77 8.03 -7.89
N ASP A 80 1.75 8.61 -8.57
CA ASP A 80 1.52 9.83 -9.34
C ASP A 80 1.14 9.43 -10.76
N TRP A 81 -0.07 9.81 -11.18
CA TRP A 81 -0.57 9.44 -12.49
C TRP A 81 -0.07 10.38 -13.57
N TYR A 82 -0.06 9.90 -14.81
CA TYR A 82 0.26 10.77 -15.94
C TYR A 82 -0.80 11.82 -16.20
N GLN A 83 -2.07 11.45 -16.03
CA GLN A 83 -3.16 12.35 -16.39
C GLN A 83 -4.43 11.97 -15.64
N PRO A 84 -5.46 12.84 -15.68
CA PRO A 84 -6.74 12.47 -15.08
C PRO A 84 -7.28 11.21 -15.73
N SER A 85 -7.97 10.37 -14.95
CA SER A 85 -8.53 9.14 -15.48
C SER A 85 -9.54 9.48 -16.57
N GLN A 86 -9.23 9.03 -17.79
CA GLN A 86 -9.94 9.42 -19.02
C GLN A 86 -11.48 9.43 -19.01
N SER A 87 -12.10 8.29 -18.74
CA SER A 87 -13.49 8.02 -19.07
C SER A 87 -14.47 8.19 -17.92
N ASN A 88 -13.98 8.23 -16.68
CA ASN A 88 -14.88 8.36 -15.54
C ASN A 88 -15.08 9.79 -15.08
N GLY A 89 -14.54 10.75 -15.85
CA GLY A 89 -14.77 12.15 -15.58
C GLY A 89 -13.94 12.77 -14.47
N GLN A 90 -12.89 12.08 -14.01
CA GLN A 90 -12.01 12.66 -13.01
C GLN A 90 -11.50 14.01 -13.47
N ASN A 91 -11.60 15.04 -12.62
CA ASN A 91 -11.29 16.40 -13.01
CA ASN A 91 -11.28 16.39 -13.05
C ASN A 91 -9.92 16.90 -12.57
N TYR A 92 -9.07 15.98 -12.12
CA TYR A 92 -7.72 16.31 -11.70
C TYR A 92 -6.85 15.07 -11.85
N THR A 93 -5.54 15.25 -11.67
CA THR A 93 -4.60 14.14 -11.75
C THR A 93 -4.22 13.66 -10.36
N TYR A 94 -4.41 12.37 -10.12
CA TYR A 94 -3.97 11.76 -8.88
C TYR A 94 -2.46 11.96 -8.73
N LYS A 95 -2.03 12.47 -7.59
CA LYS A 95 -0.61 12.61 -7.28
CA LYS A 95 -0.60 12.60 -7.28
C LYS A 95 -0.37 12.09 -5.87
N TRP A 96 -0.70 10.82 -5.66
CA TRP A 96 -0.66 10.25 -4.33
C TRP A 96 0.74 9.92 -3.82
N GLU A 97 1.69 9.68 -4.71
CA GLU A 97 3.07 9.52 -4.27
C GLU A 97 3.60 10.86 -3.75
N THR A 98 3.33 11.94 -4.47
CA THR A 98 3.69 13.28 -4.00
C THR A 98 3.02 13.57 -2.64
N PHE A 99 1.76 13.21 -2.51
CA PHE A 99 1.07 13.44 -1.24
C PHE A 99 1.72 12.67 -0.09
N LEU A 100 1.96 11.38 -0.28
CA LEU A 100 2.46 10.56 0.82
C LEU A 100 3.92 10.86 1.19
N THR A 101 4.71 11.32 0.23
CA THR A 101 6.16 11.46 0.45
C THR A 101 6.61 12.89 0.68
N ARG A 102 5.73 13.85 0.39
CA ARG A 102 6.07 15.26 0.55
C ARG A 102 5.00 16.01 1.33
N GLU A 103 3.80 16.08 0.78
CA GLU A 103 2.78 16.99 1.34
C GLU A 103 2.30 16.56 2.73
N MET A 104 1.92 15.30 2.85
CA MET A 104 1.41 14.82 4.12
C MET A 104 2.48 14.81 5.24
N PRO A 105 3.67 14.25 4.95
CA PRO A 105 4.66 14.26 6.05
C PRO A 105 5.08 15.67 6.44
N ALA A 106 5.10 16.61 5.50
CA ALA A 106 5.44 17.99 5.86
C ALA A 106 4.39 18.58 6.82
N TRP A 107 3.12 18.32 6.55
CA TRP A 107 2.02 18.83 7.36
C TRP A 107 2.07 18.22 8.77
N LEU A 108 2.29 16.90 8.84
CA LEU A 108 2.30 16.20 10.12
C LEU A 108 3.53 16.60 10.94
N GLN A 109 4.66 16.85 10.27
CA GLN A 109 5.83 17.31 10.99
C GLN A 109 5.60 18.71 11.56
N ALA A 110 5.15 19.64 10.72
CA ALA A 110 4.99 21.02 11.13
C ALA A 110 3.96 21.17 12.26
N ASN A 111 2.85 20.45 12.14
CA ASN A 111 1.73 20.65 13.05
C ASN A 111 1.74 19.77 14.27
N LYS A 112 2.38 18.60 14.17
CA LYS A 112 2.33 17.62 15.25
C LYS A 112 3.69 17.13 15.72
N GLY A 113 4.71 17.34 14.91
CA GLY A 113 6.03 16.83 15.23
C GLY A 113 6.27 15.38 14.83
N VAL A 114 5.41 14.84 13.98
CA VAL A 114 5.62 13.49 13.47
C VAL A 114 6.84 13.50 12.56
N SER A 115 7.77 12.58 12.77
CA SER A 115 8.98 12.53 11.96
C SER A 115 8.69 12.10 10.51
N PRO A 116 9.20 12.87 9.53
N PRO A 116 9.23 12.85 9.54
CA PRO A 116 9.04 12.42 8.14
CA PRO A 116 9.09 12.49 8.13
C PRO A 116 9.86 11.17 7.82
C PRO A 116 10.02 11.33 7.72
N THR A 117 10.87 10.87 8.65
CA THR A 117 11.76 9.76 8.38
C THR A 117 11.59 8.63 9.39
N GLY A 118 12.03 7.43 9.02
CA GLY A 118 12.08 6.33 9.96
C GLY A 118 10.74 5.65 10.22
N ASN A 119 9.89 5.60 9.20
CA ASN A 119 8.53 5.10 9.34
C ASN A 119 8.31 3.76 8.64
N ALA A 120 7.10 3.22 8.78
CA ALA A 120 6.72 1.97 8.10
C ALA A 120 5.58 2.24 7.13
N ALA A 121 5.65 1.63 5.95
CA ALA A 121 4.54 1.64 5.01
C ALA A 121 3.94 0.24 4.95
N VAL A 122 2.64 0.13 5.22
CA VAL A 122 1.97 -1.16 5.25
C VAL A 122 0.79 -1.09 4.28
N GLY A 123 0.81 -1.95 3.26
CA GLY A 123 -0.25 -1.95 2.27
C GLY A 123 -0.82 -3.35 2.06
N LEU A 124 -1.98 -3.39 1.43
CA LEU A 124 -2.65 -4.66 1.13
C LEU A 124 -3.21 -4.60 -0.28
N ALA A 125 -3.21 -5.74 -0.95
CA ALA A 125 -3.79 -5.86 -2.28
C ALA A 125 -3.21 -4.75 -3.17
N MET A 126 -4.06 -3.87 -3.71
CA MET A 126 -3.56 -2.73 -4.49
C MET A 126 -2.32 -2.06 -3.89
N SER A 127 -2.36 -1.75 -2.59
CA SER A 127 -1.27 -0.99 -2.00
C SER A 127 -0.13 -1.83 -1.41
N GLY A 128 -0.18 -3.16 -1.55
CA GLY A 128 0.94 -3.97 -1.12
C GLY A 128 2.18 -3.62 -1.92
N GLY A 129 2.03 -3.58 -3.25
CA GLY A 129 3.10 -3.11 -4.11
C GLY A 129 3.48 -1.66 -3.82
N SER A 130 2.49 -0.80 -3.60
CA SER A 130 2.77 0.60 -3.31
C SER A 130 3.72 0.74 -2.12
N ALA A 131 3.49 -0.02 -1.06
CA ALA A 131 4.31 0.07 0.13
C ALA A 131 5.76 -0.26 -0.20
N LEU A 132 5.98 -1.31 -0.98
CA LEU A 132 7.32 -1.70 -1.35
C LEU A 132 7.98 -0.68 -2.28
N ILE A 133 7.19 -0.10 -3.19
CA ILE A 133 7.73 0.93 -4.08
C ILE A 133 8.12 2.19 -3.27
N LEU A 134 7.29 2.58 -2.31
CA LEU A 134 7.64 3.70 -1.46
C LEU A 134 8.97 3.44 -0.74
N ALA A 135 9.17 2.23 -0.24
CA ALA A 135 10.43 1.88 0.42
C ALA A 135 11.60 1.84 -0.57
N ALA A 136 11.33 1.45 -1.81
CA ALA A 136 12.37 1.36 -2.82
C ALA A 136 12.93 2.73 -3.18
N TYR A 137 12.06 3.72 -3.28
CA TYR A 137 12.47 5.05 -3.75
C TYR A 137 12.60 6.10 -2.65
N TYR A 138 12.08 5.81 -1.46
CA TYR A 138 12.15 6.75 -0.32
C TYR A 138 12.66 6.02 0.92
N PRO A 139 13.88 5.49 0.85
CA PRO A 139 14.39 4.65 1.96
C PRO A 139 14.53 5.39 3.29
N GLN A 140 14.79 6.69 3.28
CA GLN A 140 14.88 7.40 4.55
C GLN A 140 13.51 7.52 5.21
N GLN A 141 12.46 7.63 4.40
CA GLN A 141 11.11 7.76 4.91
C GLN A 141 10.58 6.40 5.38
N PHE A 142 10.89 5.35 4.64
CA PHE A 142 10.34 4.01 4.89
C PHE A 142 11.41 2.92 4.94
N PRO A 143 12.12 2.81 6.07
CA PRO A 143 13.05 1.68 6.26
C PRO A 143 12.32 0.35 6.45
N TYR A 144 11.00 0.41 6.66
CA TYR A 144 10.19 -0.78 6.89
C TYR A 144 9.01 -0.74 5.91
N ALA A 145 8.72 -1.87 5.26
CA ALA A 145 7.53 -1.95 4.41
C ALA A 145 6.91 -3.33 4.50
N ALA A 146 5.58 -3.37 4.58
CA ALA A 146 4.84 -4.63 4.53
C ALA A 146 3.89 -4.63 3.34
N SER A 147 3.81 -5.78 2.68
CA SER A 147 2.88 -6.01 1.58
C SER A 147 2.04 -7.23 1.92
N LEU A 148 0.72 -7.04 2.01
CA LEU A 148 -0.19 -8.10 2.38
C LEU A 148 -1.05 -8.42 1.16
N SER A 149 -0.81 -9.59 0.56
CA SER A 149 -1.52 -9.98 -0.68
C SER A 149 -1.33 -8.95 -1.80
N GLY A 150 -0.11 -8.42 -1.95
CA GLY A 150 0.13 -7.38 -2.94
C GLY A 150 0.31 -7.92 -4.35
N PHE A 151 0.16 -7.03 -5.32
CA PHE A 151 0.35 -7.38 -6.73
C PHE A 151 1.81 -7.05 -7.06
N LEU A 152 2.71 -8.00 -6.82
CA LEU A 152 4.13 -7.67 -6.72
C LEU A 152 4.93 -7.72 -8.03
N ASN A 153 4.27 -7.93 -9.17
CA ASN A 153 4.95 -7.95 -10.46
C ASN A 153 4.00 -7.33 -11.51
N PRO A 154 3.56 -6.08 -11.28
CA PRO A 154 2.47 -5.50 -12.08
C PRO A 154 2.78 -5.35 -13.57
N SER A 155 4.07 -5.33 -13.95
CA SER A 155 4.42 -5.15 -15.35
C SER A 155 4.52 -6.45 -16.15
N GLU A 156 4.35 -7.58 -15.47
CA GLU A 156 4.60 -8.89 -16.08
CA GLU A 156 4.61 -8.88 -16.09
C GLU A 156 3.35 -9.59 -16.60
N GLY A 157 3.47 -10.17 -17.80
CA GLY A 157 2.44 -11.04 -18.34
C GLY A 157 1.05 -10.45 -18.39
N TRP A 158 0.11 -11.14 -17.74
CA TRP A 158 -1.28 -10.68 -17.69
C TRP A 158 -1.55 -9.60 -16.65
N TRP A 159 -0.56 -9.29 -15.82
CA TRP A 159 -0.80 -8.33 -14.74
C TRP A 159 -1.33 -6.95 -15.17
N PRO A 160 -0.74 -6.34 -16.20
CA PRO A 160 -1.28 -5.03 -16.60
C PRO A 160 -2.74 -5.15 -17.02
N THR A 161 -3.09 -6.24 -17.69
CA THR A 161 -4.48 -6.47 -18.09
C THR A 161 -5.39 -6.65 -16.86
N LEU A 162 -4.95 -7.44 -15.90
CA LEU A 162 -5.75 -7.70 -14.71
C LEU A 162 -5.92 -6.44 -13.87
N ILE A 163 -4.84 -5.68 -13.74
CA ILE A 163 -4.89 -4.44 -12.99
C ILE A 163 -5.86 -3.46 -13.68
N GLY A 164 -5.80 -3.41 -15.00
CA GLY A 164 -6.72 -2.58 -15.77
C GLY A 164 -8.17 -2.97 -15.52
N LEU A 165 -8.44 -4.27 -15.55
CA LEU A 165 -9.78 -4.78 -15.29
C LEU A 165 -10.25 -4.41 -13.87
N ALA A 166 -9.38 -4.62 -12.89
CA ALA A 166 -9.75 -4.36 -11.50
C ALA A 166 -9.98 -2.87 -11.25
N MET A 167 -9.17 -2.01 -11.86
CA MET A 167 -9.35 -0.57 -11.70
C MET A 167 -10.65 -0.11 -12.34
N ASN A 168 -11.00 -0.72 -13.47
CA ASN A 168 -12.26 -0.36 -14.12
C ASN A 168 -13.45 -0.79 -13.27
N ASP A 169 -13.33 -1.95 -12.63
CA ASP A 169 -14.37 -2.49 -11.76
C ASP A 169 -14.47 -1.73 -10.43
N SER A 170 -13.46 -0.93 -10.13
CA SER A 170 -13.48 -0.10 -8.93
C SER A 170 -13.53 1.38 -9.31
N GLY A 171 -14.72 1.86 -9.69
CA GLY A 171 -14.90 3.26 -9.98
C GLY A 171 -14.60 3.69 -11.40
N GLY A 172 -14.35 2.73 -12.28
CA GLY A 172 -14.15 3.03 -13.69
C GLY A 172 -12.84 3.73 -14.01
N TYR A 173 -11.82 3.51 -13.20
CA TYR A 173 -10.50 4.13 -13.41
C TYR A 173 -9.69 3.43 -14.51
N ASN A 174 -8.81 4.18 -15.18
CA ASN A 174 -8.07 3.71 -16.36
C ASN A 174 -6.57 3.55 -16.09
N ALA A 175 -6.09 2.32 -16.13
CA ALA A 175 -4.69 2.04 -15.86
C ALA A 175 -3.77 2.75 -16.85
N ASN A 176 -4.26 2.99 -18.07
CA ASN A 176 -3.48 3.69 -19.07
CA ASN A 176 -3.49 3.71 -19.08
C ASN A 176 -3.22 5.16 -18.70
N SER A 177 -4.19 5.78 -18.04
CA SER A 177 -4.02 7.16 -17.58
C SER A 177 -3.02 7.24 -16.42
N MET A 178 -2.85 6.11 -15.72
CA MET A 178 -1.99 6.02 -14.54
C MET A 178 -0.53 5.86 -14.95
N TRP A 179 -0.20 4.75 -15.60
CA TRP A 179 1.19 4.42 -15.93
C TRP A 179 1.43 4.31 -17.44
N GLY A 180 0.45 4.68 -18.25
CA GLY A 180 0.56 4.60 -19.70
C GLY A 180 0.27 3.19 -20.23
N PRO A 181 0.58 2.96 -21.52
CA PRO A 181 0.48 1.62 -22.10
C PRO A 181 1.34 0.66 -21.27
N SER A 182 1.03 -0.63 -21.30
CA SER A 182 1.76 -1.58 -20.45
C SER A 182 3.28 -1.59 -20.71
N SER A 183 3.69 -1.04 -21.86
CA SER A 183 5.10 -0.99 -22.20
CA SER A 183 5.10 -0.98 -22.22
C SER A 183 5.81 0.28 -21.70
N ASP A 184 5.05 1.24 -21.19
CA ASP A 184 5.62 2.50 -20.68
C ASP A 184 6.56 2.21 -19.49
N PRO A 185 7.67 2.96 -19.39
N PRO A 185 7.65 2.98 -19.38
CA PRO A 185 8.63 2.77 -18.28
CA PRO A 185 8.64 2.79 -18.29
C PRO A 185 8.01 2.81 -16.87
C PRO A 185 8.04 2.86 -16.88
N ALA A 186 6.90 3.53 -16.73
CA ALA A 186 6.23 3.64 -15.43
C ALA A 186 5.83 2.28 -14.88
N TRP A 187 5.48 1.33 -15.75
CA TRP A 187 5.07 0.01 -15.28
C TRP A 187 6.20 -0.71 -14.55
N LYS A 188 7.39 -0.75 -15.15
CA LYS A 188 8.52 -1.39 -14.49
C LYS A 188 9.02 -0.56 -13.31
N ARG A 189 8.96 0.77 -13.43
CA ARG A 189 9.40 1.63 -12.34
C ARG A 189 8.66 1.28 -11.05
N ASN A 190 7.38 0.99 -11.19
CA ASN A 190 6.48 0.74 -10.08
C ASN A 190 6.25 -0.75 -9.82
N ASP A 191 7.17 -1.58 -10.31
CA ASP A 191 7.03 -3.03 -10.17
C ASP A 191 7.99 -3.52 -9.06
N PRO A 192 7.45 -3.96 -7.93
CA PRO A 192 8.34 -4.37 -6.82
C PRO A 192 9.33 -5.46 -7.21
N MET A 193 8.92 -6.42 -8.03
CA MET A 193 9.81 -7.48 -8.46
C MET A 193 11.04 -6.88 -9.17
N VAL A 194 10.79 -5.95 -10.07
CA VAL A 194 11.87 -5.31 -10.82
C VAL A 194 12.76 -4.50 -9.86
N GLN A 195 12.14 -3.94 -8.82
CA GLN A 195 12.88 -3.06 -7.90
C GLN A 195 13.49 -3.79 -6.72
N ILE A 196 13.47 -5.12 -6.74
CA ILE A 196 14.07 -5.90 -5.65
C ILE A 196 15.50 -5.44 -5.30
N PRO A 197 16.35 -5.20 -6.31
CA PRO A 197 17.72 -4.75 -5.97
C PRO A 197 17.76 -3.44 -5.19
N ARG A 198 16.76 -2.57 -5.36
CA ARG A 198 16.71 -1.36 -4.53
C ARG A 198 16.39 -1.71 -3.09
N LEU A 199 15.43 -2.61 -2.89
CA LEU A 199 15.08 -3.07 -1.55
C LEU A 199 16.27 -3.75 -0.86
N VAL A 200 17.05 -4.50 -1.64
CA VAL A 200 18.22 -5.16 -1.07
C VAL A 200 19.28 -4.13 -0.68
N ALA A 201 19.65 -3.25 -1.61
CA ALA A 201 20.67 -2.26 -1.32
C ALA A 201 20.25 -1.28 -0.21
N ASN A 202 18.97 -0.94 -0.16
CA ASN A 202 18.47 -0.07 0.92
C ASN A 202 18.38 -0.80 2.26
N ASN A 203 18.56 -2.13 2.22
CA ASN A 203 18.37 -2.96 3.40
C ASN A 203 16.99 -2.78 4.03
N THR A 204 15.98 -2.55 3.20
CA THR A 204 14.62 -2.40 3.69
C THR A 204 14.22 -3.64 4.47
N ARG A 205 13.58 -3.43 5.63
CA ARG A 205 12.97 -4.54 6.33
C ARG A 205 11.61 -4.77 5.68
N ILE A 206 11.44 -5.91 5.01
CA ILE A 206 10.18 -6.20 4.34
C ILE A 206 9.43 -7.35 5.00
N TRP A 207 8.11 -7.19 5.10
CA TRP A 207 7.22 -8.20 5.64
C TRP A 207 6.21 -8.49 4.54
N VAL A 208 6.25 -9.71 4.00
CA VAL A 208 5.43 -10.06 2.84
C VAL A 208 4.53 -11.25 3.19
N TYR A 209 3.23 -10.98 3.23
CA TYR A 209 2.21 -11.99 3.47
C TYR A 209 1.49 -12.26 2.17
N CYS A 210 1.08 -13.51 1.97
CA CYS A 210 0.13 -13.78 0.89
C CYS A 210 -0.77 -14.95 1.25
N GLY A 211 -2.07 -14.74 1.05
CA GLY A 211 -3.05 -15.79 1.20
C GLY A 211 -3.37 -16.50 -0.11
N ASN A 212 -4.49 -17.20 -0.13
CA ASN A 212 -4.93 -17.93 -1.32
C ASN A 212 -6.42 -18.21 -1.19
N GLY A 213 -7.04 -18.60 -2.30
CA GLY A 213 -8.43 -19.06 -2.26
C GLY A 213 -9.43 -17.94 -2.07
N THR A 214 -10.59 -18.32 -1.55
CA THR A 214 -11.71 -17.41 -1.35
C THR A 214 -12.21 -17.54 0.08
N PRO A 215 -12.96 -16.55 0.57
CA PRO A 215 -13.38 -15.34 -0.13
C PRO A 215 -12.25 -14.32 -0.23
N SER A 216 -12.40 -13.33 -1.11
CA SER A 216 -11.33 -12.39 -1.41
C SER A 216 -11.78 -10.94 -1.29
N ASP A 217 -10.95 -10.13 -0.65
CA ASP A 217 -11.15 -8.68 -0.59
C ASP A 217 -10.17 -7.93 -1.50
N LEU A 218 -9.59 -8.63 -2.48
CA LEU A 218 -8.61 -8.02 -3.40
C LEU A 218 -9.25 -7.00 -4.33
N GLY A 219 -10.55 -7.10 -4.55
CA GLY A 219 -11.19 -6.40 -5.65
C GLY A 219 -11.03 -7.20 -6.93
N GLY A 220 -11.30 -6.58 -8.07
CA GLY A 220 -11.19 -7.27 -9.35
C GLY A 220 -12.16 -8.41 -9.45
N ASP A 221 -13.35 -8.23 -8.90
CA ASP A 221 -14.36 -9.29 -8.89
CA ASP A 221 -14.37 -9.28 -8.89
C ASP A 221 -14.88 -9.60 -10.30
N ASN A 222 -14.55 -8.74 -11.27
CA ASN A 222 -14.90 -8.98 -12.67
C ASN A 222 -13.96 -9.96 -13.39
N ILE A 223 -12.87 -10.33 -12.71
CA ILE A 223 -11.94 -11.31 -13.24
C ILE A 223 -12.50 -12.71 -12.94
N PRO A 224 -12.45 -13.63 -13.92
CA PRO A 224 -13.02 -14.97 -13.70
C PRO A 224 -12.66 -15.58 -12.34
N ALA A 225 -13.62 -16.26 -11.72
CA ALA A 225 -13.50 -16.72 -10.34
C ALA A 225 -12.18 -17.46 -10.08
N LYS A 226 -11.54 -17.11 -8.97
CA LYS A 226 -10.33 -17.77 -8.49
C LYS A 226 -9.03 -17.38 -9.21
N PHE A 227 -9.10 -16.74 -10.37
CA PHE A 227 -7.87 -16.50 -11.13
C PHE A 227 -6.92 -15.49 -10.49
N LEU A 228 -7.44 -14.31 -10.16
CA LEU A 228 -6.62 -13.29 -9.51
C LEU A 228 -6.05 -13.80 -8.19
N GLU A 229 -6.87 -14.51 -7.43
CA GLU A 229 -6.46 -15.00 -6.12
C GLU A 229 -5.25 -15.94 -6.21
N GLY A 230 -5.25 -16.80 -7.23
CA GLY A 230 -4.15 -17.73 -7.43
C GLY A 230 -2.93 -17.07 -8.03
N LEU A 231 -3.13 -16.17 -8.99
CA LEU A 231 -2.00 -15.49 -9.61
C LEU A 231 -1.27 -14.63 -8.58
N THR A 232 -2.03 -14.02 -7.66
CA THR A 232 -1.43 -13.21 -6.61
C THR A 232 -0.47 -14.07 -5.76
N LEU A 233 -0.91 -15.28 -5.40
CA LEU A 233 -0.02 -16.17 -4.66
C LEU A 233 1.22 -16.57 -5.48
N ARG A 234 1.02 -16.99 -6.72
CA ARG A 234 2.15 -17.42 -7.53
C ARG A 234 3.18 -16.32 -7.71
N THR A 235 2.70 -15.10 -7.94
CA THR A 235 3.59 -13.97 -8.09
C THR A 235 4.32 -13.62 -6.79
N ASN A 236 3.62 -13.73 -5.65
CA ASN A 236 4.28 -13.53 -4.37
C ASN A 236 5.37 -14.58 -4.11
N GLN A 237 5.12 -15.82 -4.50
CA GLN A 237 6.13 -16.85 -4.37
CA GLN A 237 6.13 -16.86 -4.38
C GLN A 237 7.35 -16.54 -5.25
N THR A 238 7.10 -16.09 -6.49
CA THR A 238 8.20 -15.69 -7.36
C THR A 238 8.98 -14.52 -6.75
N PHE A 239 8.27 -13.56 -6.16
CA PHE A 239 8.92 -12.42 -5.54
C PHE A 239 9.85 -12.91 -4.42
N ARG A 240 9.34 -13.81 -3.58
CA ARG A 240 10.10 -14.38 -2.48
C ARG A 240 11.39 -15.03 -2.98
N ASP A 241 11.28 -15.86 -4.00
CA ASP A 241 12.45 -16.54 -4.57
C ASP A 241 13.45 -15.55 -5.14
N THR A 242 12.94 -14.52 -5.80
CA THR A 242 13.80 -13.53 -6.45
C THR A 242 14.53 -12.67 -5.42
N TYR A 243 13.85 -12.34 -4.33
CA TYR A 243 14.44 -11.58 -3.25
C TYR A 243 15.65 -12.32 -2.68
N ALA A 244 15.48 -13.60 -2.39
CA ALA A 244 16.58 -14.42 -1.90
C ALA A 244 17.72 -14.50 -2.94
N ALA A 245 17.36 -14.74 -4.20
CA ALA A 245 18.35 -14.90 -5.26
C ALA A 245 19.18 -13.62 -5.46
N ASP A 246 18.56 -12.47 -5.21
CA ASP A 246 19.23 -11.18 -5.37
C ASP A 246 19.99 -10.72 -4.14
N GLY A 247 20.12 -11.58 -3.13
CA GLY A 247 20.88 -11.25 -1.94
C GLY A 247 20.08 -10.64 -0.80
N GLY A 248 18.76 -10.64 -0.91
CA GLY A 248 17.93 -10.09 0.14
C GLY A 248 18.09 -10.88 1.43
N ARG A 249 18.18 -10.16 2.54
CA ARG A 249 18.47 -10.80 3.83
C ARG A 249 17.72 -10.14 4.98
N ASN A 250 16.70 -9.35 4.66
CA ASN A 250 15.99 -8.61 5.70
C ASN A 250 14.47 -8.72 5.55
N GLY A 251 14.02 -9.90 5.14
CA GLY A 251 12.61 -10.12 4.87
C GLY A 251 11.97 -11.20 5.73
N VAL A 252 10.66 -11.08 5.91
CA VAL A 252 9.82 -12.11 6.52
C VAL A 252 8.76 -12.46 5.49
N PHE A 253 8.61 -13.75 5.19
CA PHE A 253 7.65 -14.20 4.19
C PHE A 253 6.68 -15.17 4.83
N ASN A 254 5.41 -14.78 4.86
CA ASN A 254 4.36 -15.54 5.52
C ASN A 254 3.32 -15.99 4.51
N PHE A 255 3.37 -17.27 4.16
CA PHE A 255 2.43 -17.86 3.19
CA PHE A 255 2.46 -17.88 3.19
C PHE A 255 1.71 -19.04 3.86
N PRO A 256 0.95 -18.76 4.92
CA PRO A 256 0.24 -19.87 5.58
C PRO A 256 -0.82 -20.47 4.65
N PRO A 257 -0.87 -21.80 4.54
CA PRO A 257 -1.82 -22.42 3.60
C PRO A 257 -3.29 -22.05 3.87
N ASN A 258 -3.64 -21.79 5.13
CA ASN A 258 -5.03 -21.42 5.44
C ASN A 258 -5.30 -19.92 5.35
N GLY A 259 -4.28 -19.14 5.02
CA GLY A 259 -4.45 -17.70 4.91
C GLY A 259 -5.27 -17.31 3.71
N THR A 260 -6.11 -16.31 3.87
CA THR A 260 -6.91 -15.79 2.77
C THR A 260 -6.49 -14.35 2.43
N HIS A 261 -6.94 -13.89 1.27
CA HIS A 261 -6.77 -12.50 0.87
C HIS A 261 -7.95 -11.72 1.46
N SER A 262 -7.96 -11.51 2.76
CA SER A 262 -9.15 -10.93 3.39
C SER A 262 -8.76 -10.06 4.58
N TRP A 263 -9.61 -9.10 4.92
CA TRP A 263 -9.32 -8.21 6.04
C TRP A 263 -9.00 -8.96 7.34
N PRO A 264 -9.73 -10.04 7.66
CA PRO A 264 -9.36 -10.75 8.91
C PRO A 264 -7.92 -11.25 8.94
N TYR A 265 -7.42 -11.81 7.84
CA TYR A 265 -6.02 -12.22 7.81
C TYR A 265 -5.06 -11.04 7.72
N TRP A 266 -5.43 -10.01 6.98
CA TRP A 266 -4.58 -8.84 6.91
C TRP A 266 -4.43 -8.21 8.30
N ASN A 267 -5.52 -8.16 9.05
CA ASN A 267 -5.42 -7.70 10.43
C ASN A 267 -4.57 -8.62 11.29
N GLU A 268 -4.69 -9.94 11.13
CA GLU A 268 -3.86 -10.87 11.89
CA GLU A 268 -3.86 -10.83 11.93
C GLU A 268 -2.39 -10.57 11.64
N GLN A 269 -2.05 -10.28 10.38
CA GLN A 269 -0.68 -9.94 10.03
C GLN A 269 -0.25 -8.59 10.63
N LEU A 270 -1.14 -7.61 10.61
CA LEU A 270 -0.84 -6.32 11.23
C LEU A 270 -0.51 -6.49 12.72
N VAL A 271 -1.30 -7.31 13.40
CA VAL A 271 -1.02 -7.61 14.80
C VAL A 271 0.32 -8.35 14.93
N ALA A 272 0.54 -9.35 14.08
CA ALA A 272 1.75 -10.17 14.19
C ALA A 272 3.02 -9.35 13.96
N MET A 273 2.95 -8.35 13.09
CA MET A 273 4.14 -7.56 12.79
C MET A 273 4.41 -6.43 13.80
N LYS A 274 3.53 -6.22 14.76
CA LYS A 274 3.70 -5.07 15.66
C LYS A 274 5.05 -5.09 16.37
N ALA A 275 5.38 -6.22 17.01
CA ALA A 275 6.66 -6.34 17.70
C ALA A 275 7.82 -6.13 16.73
N ASP A 276 7.65 -6.64 15.51
CA ASP A 276 8.67 -6.51 14.48
C ASP A 276 8.92 -5.03 14.17
N ILE A 277 7.86 -4.27 13.90
CA ILE A 277 7.99 -2.84 13.61
C ILE A 277 8.58 -2.08 14.82
N GLN A 278 8.09 -2.37 16.02
CA GLN A 278 8.62 -1.72 17.22
C GLN A 278 10.13 -1.90 17.33
N HIS A 279 10.60 -3.13 17.12
CA HIS A 279 12.02 -3.42 17.27
C HIS A 279 12.85 -2.76 16.18
N VAL A 280 12.31 -2.69 14.97
CA VAL A 280 13.04 -2.09 13.85
C VAL A 280 13.04 -0.56 13.88
N LEU A 281 11.90 0.06 14.17
CA LEU A 281 11.78 1.51 14.13
C LEU A 281 12.19 2.22 15.41
N ASN A 282 12.05 1.53 16.54
CA ASN A 282 12.29 2.17 17.83
C ASN A 282 13.39 1.50 18.65
N GLY A 283 13.75 0.28 18.26
CA GLY A 283 14.78 -0.47 18.97
#